data_5B22
#
_entry.id   5B22
#
_cell.length_a   151.650
_cell.length_b   72.880
_cell.length_c   81.930
_cell.angle_alpha   90.00
_cell.angle_beta   116.36
_cell.angle_gamma   90.00
#
_symmetry.space_group_name_H-M   'C 1 2 1'
#
loop_
_entity.id
_entity.type
_entity.pdbx_description
1 polymer Nectin-3
2 branched beta-D-mannopyranose-(1-4)-2-acetamido-2-deoxy-beta-D-glucopyranose-(1-4)-2-acetamido-2-deoxy-beta-D-glucopyranose
3 water water
#
_entity_poly.entity_id   1
_entity_poly.type   'polypeptide(L)'
_entity_poly.pdbx_seq_one_letter_code
;PSIIVEPHVTAVWGKNVSLKCLIEVNETITQISWEKIHGKSTQTVAVHHPQYGFSVQGDYQGRVLFKNYSLNDATITLHN
IGFSDSGKYICKAVTFPLGNAQSSTTVTVLVEPTVSLIKGPDSLIDGGNETVAAVCVAATGKPVAQIDWEGDLGEMESST
TSFPNETATIVSQYKLFPTRFARGRRITCVVKHPALEKDIRYSFILDIQHH
;
_entity_poly.pdbx_strand_id   A,B
#
loop_
_chem_comp.id
_chem_comp.type
_chem_comp.name
_chem_comp.formula
BMA D-saccharide, beta linking beta-D-mannopyranose 'C6 H12 O6'
NAG D-saccharide, beta linking 2-acetamido-2-deoxy-beta-D-glucopyranose 'C8 H15 N O6'
#
# COMPACT_ATOMS: atom_id res chain seq x y z
N PRO A 1 8.25 8.64 -8.49
CA PRO A 1 8.41 9.94 -7.82
C PRO A 1 9.79 10.56 -8.02
N SER A 2 10.52 10.74 -6.93
CA SER A 2 11.91 11.16 -7.01
C SER A 2 12.88 9.99 -7.07
N ILE A 3 12.39 8.79 -7.38
CA ILE A 3 13.20 7.57 -7.39
C ILE A 3 13.48 7.23 -8.85
N ILE A 4 14.74 7.29 -9.25
CA ILE A 4 15.12 7.07 -10.65
C ILE A 4 15.50 5.61 -10.87
N VAL A 5 14.70 4.89 -11.66
CA VAL A 5 14.96 3.49 -11.97
C VAL A 5 14.63 3.23 -13.44
N GLU A 6 14.85 1.98 -13.84
CA GLU A 6 14.48 1.58 -15.21
C GLU A 6 13.16 0.85 -15.16
N PRO A 7 12.17 1.11 -16.03
CA PRO A 7 10.91 0.45 -15.89
C PRO A 7 10.96 -1.06 -16.01
N HIS A 8 11.82 -1.60 -16.87
CA HIS A 8 11.81 -3.00 -17.20
C HIS A 8 13.23 -3.49 -17.47
N VAL A 9 13.59 -4.62 -16.90
CA VAL A 9 14.95 -5.10 -17.11
C VAL A 9 14.89 -6.55 -17.57
N THR A 10 15.73 -6.90 -18.53
CA THR A 10 15.89 -8.28 -18.97
C THR A 10 17.13 -8.88 -18.35
N ALA A 11 16.99 -10.09 -17.86
CA ALA A 11 17.99 -10.76 -17.06
C ALA A 11 18.13 -12.16 -17.60
N VAL A 12 19.35 -12.64 -17.72
CA VAL A 12 19.59 -13.92 -18.33
C VAL A 12 19.96 -14.91 -17.26
N TRP A 13 19.33 -16.08 -17.33
CA TRP A 13 19.51 -17.10 -16.30
C TRP A 13 20.98 -17.46 -16.17
N GLY A 14 21.48 -17.47 -14.89
CA GLY A 14 22.86 -17.84 -14.65
C GLY A 14 23.87 -16.71 -14.73
N LYS A 15 23.41 -15.54 -15.15
CA LYS A 15 24.22 -14.35 -15.31
C LYS A 15 23.95 -13.24 -14.33
N ASN A 16 24.25 -12.02 -14.74
CA ASN A 16 24.24 -10.84 -13.88
C ASN A 16 23.27 -9.81 -14.44
N VAL A 17 22.76 -8.93 -13.55
CA VAL A 17 22.06 -7.72 -13.94
C VAL A 17 22.33 -6.66 -12.89
N SER A 18 22.11 -5.41 -13.28
CA SER A 18 22.11 -4.27 -12.39
C SER A 18 20.69 -3.80 -12.21
N LEU A 19 20.30 -3.57 -10.97
CA LEU A 19 19.04 -2.90 -10.69
C LEU A 19 19.44 -1.51 -10.25
N LYS A 20 19.17 -0.53 -11.11
CA LYS A 20 19.64 0.83 -10.93
C LYS A 20 18.64 1.62 -10.08
N CYS A 21 19.16 2.44 -9.18
CA CYS A 21 18.28 3.29 -8.40
C CYS A 21 19.10 4.46 -7.86
N LEU A 22 18.78 5.67 -8.30
CA LEU A 22 19.41 6.89 -7.83
C LEU A 22 18.39 7.70 -7.05
N ILE A 23 18.79 8.18 -5.88
CA ILE A 23 17.86 8.82 -4.95
C ILE A 23 18.41 10.19 -4.59
N GLU A 24 17.71 11.25 -4.97
CA GLU A 24 18.03 12.56 -4.41
C GLU A 24 16.67 13.21 -4.14
N VAL A 25 16.05 12.83 -3.01
CA VAL A 25 14.67 13.27 -2.72
C VAL A 25 14.58 14.68 -2.17
N ASN A 26 15.77 15.41 -1.91
CA ASN A 26 15.93 16.68 -1.17
C ASN A 26 16.05 16.54 0.35
N GLU A 27 15.84 15.54 1.07
CA GLU A 27 15.78 15.60 2.53
C GLU A 27 16.49 14.41 3.13
N THR A 28 16.63 14.43 4.46
CA THR A 28 17.45 13.44 5.12
C THR A 28 16.92 12.02 4.91
N ILE A 29 17.81 11.13 4.47
CA ILE A 29 17.46 9.76 4.12
C ILE A 29 17.76 8.87 5.30
N THR A 30 16.74 8.18 5.80
CA THR A 30 16.93 7.33 6.97
C THR A 30 17.32 5.90 6.58
N GLN A 31 16.87 5.39 5.44
CA GLN A 31 17.34 4.11 4.89
C GLN A 31 16.73 3.90 3.52
N ILE A 32 17.41 3.09 2.71
CA ILE A 32 17.00 2.83 1.34
C ILE A 32 17.00 1.31 1.16
N SER A 33 16.20 0.85 0.20
CA SER A 33 16.01 -0.58 0.12
C SER A 33 15.43 -0.94 -1.23
N TRP A 34 15.68 -2.19 -1.64
CA TRP A 34 15.02 -2.82 -2.76
C TRP A 34 14.09 -3.88 -2.19
N GLU A 35 12.89 -3.99 -2.75
CA GLU A 35 11.94 -4.95 -2.24
C GLU A 35 11.30 -5.70 -3.40
N LYS A 36 10.86 -6.91 -3.12
CA LYS A 36 10.22 -7.77 -4.10
C LYS A 36 8.75 -7.96 -3.76
N ILE A 37 7.88 -7.75 -4.74
CA ILE A 37 6.45 -7.83 -4.53
C ILE A 37 6.04 -9.30 -4.44
N HIS A 38 5.36 -9.66 -3.35
CA HIS A 38 4.86 -11.02 -3.11
C HIS A 38 3.43 -10.95 -2.63
N GLY A 39 2.49 -11.20 -3.54
CA GLY A 39 1.11 -10.93 -3.25
C GLY A 39 0.92 -9.41 -3.24
N LYS A 40 0.25 -8.91 -2.21
CA LYS A 40 0.23 -7.47 -2.02
C LYS A 40 1.32 -7.01 -1.06
N SER A 41 1.85 -7.90 -0.22
CA SER A 41 2.99 -7.56 0.62
C SER A 41 4.28 -7.61 -0.18
N THR A 42 5.33 -7.03 0.39
CA THR A 42 6.62 -7.04 -0.24
C THR A 42 7.64 -7.74 0.65
N GLN A 43 8.55 -8.45 0.01
CA GLN A 43 9.71 -9.04 0.65
C GLN A 43 10.92 -8.12 0.45
N THR A 44 11.68 -7.88 1.52
CA THR A 44 12.92 -7.13 1.36
C THR A 44 13.97 -7.95 0.60
N VAL A 45 14.65 -7.28 -0.35
CA VAL A 45 15.78 -7.86 -1.06
C VAL A 45 17.06 -7.37 -0.40
N ALA A 46 17.22 -6.03 -0.32
CA ALA A 46 18.44 -5.45 0.24
C ALA A 46 18.15 -4.09 0.85
N VAL A 47 18.86 -3.77 1.93
CA VAL A 47 18.63 -2.59 2.75
C VAL A 47 19.96 -1.98 3.10
N HIS A 48 20.03 -0.66 2.98
CA HIS A 48 21.21 0.11 3.32
C HIS A 48 20.77 1.14 4.35
N HIS A 49 21.37 1.08 5.52
CA HIS A 49 21.11 2.01 6.60
C HIS A 49 22.42 2.70 6.97
N PRO A 50 22.37 4.02 7.23
CA PRO A 50 23.62 4.77 7.47
C PRO A 50 24.42 4.30 8.67
N GLN A 51 23.75 3.86 9.74
CA GLN A 51 24.44 3.34 10.92
C GLN A 51 24.50 1.81 10.95
N TYR A 52 23.50 1.12 10.44
CA TYR A 52 23.42 -0.32 10.59
C TYR A 52 24.08 -1.11 9.47
N GLY A 53 24.31 -0.51 8.30
CA GLY A 53 25.00 -1.19 7.21
C GLY A 53 24.09 -1.84 6.19
N PHE A 54 24.71 -2.59 5.28
CA PHE A 54 23.98 -3.33 4.28
C PHE A 54 23.35 -4.58 4.89
N SER A 55 22.29 -5.05 4.25
CA SER A 55 21.69 -6.32 4.64
C SER A 55 20.99 -6.89 3.44
N VAL A 56 21.13 -8.21 3.25
CA VAL A 56 20.55 -8.96 2.14
C VAL A 56 19.71 -10.09 2.69
N GLN A 57 18.61 -10.41 2.02
CA GLN A 57 17.58 -11.22 2.62
C GLN A 57 17.20 -12.36 1.70
N GLY A 58 16.69 -13.42 2.31
CA GLY A 58 16.08 -14.50 1.57
C GLY A 58 17.13 -15.23 0.76
N ASP A 59 16.71 -15.69 -0.42
CA ASP A 59 17.60 -16.37 -1.35
C ASP A 59 18.46 -15.40 -2.17
N TYR A 60 18.43 -14.13 -1.83
CA TYR A 60 19.34 -13.19 -2.46
C TYR A 60 20.72 -13.18 -1.82
N GLN A 61 20.87 -13.75 -0.62
CA GLN A 61 22.17 -13.75 0.07
C GLN A 61 23.24 -14.45 -0.76
N GLY A 62 24.43 -13.85 -0.79
CA GLY A 62 25.49 -14.33 -1.64
C GLY A 62 25.28 -14.06 -3.10
N ARG A 63 24.18 -13.42 -3.48
CA ARG A 63 23.91 -13.10 -4.88
C ARG A 63 23.68 -11.62 -5.13
N VAL A 64 23.80 -10.77 -4.11
CA VAL A 64 23.49 -9.36 -4.23
C VAL A 64 24.67 -8.55 -3.73
N LEU A 65 25.03 -7.50 -4.46
CA LEU A 65 26.06 -6.56 -4.05
C LEU A 65 25.50 -5.16 -4.17
N PHE A 66 25.80 -4.32 -3.18
CA PHE A 66 25.52 -2.90 -3.32
C PHE A 66 26.64 -2.26 -4.12
N LYS A 67 26.27 -1.41 -5.06
CA LYS A 67 27.29 -0.77 -5.88
C LYS A 67 28.20 0.12 -5.03
N ASN A 68 27.65 0.88 -4.09
CA ASN A 68 28.51 1.78 -3.32
C ASN A 68 27.93 2.05 -1.93
N TYR A 69 28.68 2.85 -1.16
CA TYR A 69 28.27 3.25 0.19
C TYR A 69 27.42 4.52 0.21
N SER A 70 27.18 5.16 -0.93
CA SER A 70 26.39 6.38 -0.94
C SER A 70 24.91 6.06 -0.73
N LEU A 71 24.31 6.74 0.27
CA LEU A 71 22.87 6.57 0.54
C LEU A 71 21.98 7.00 -0.62
N ASN A 72 22.50 7.80 -1.55
CA ASN A 72 21.74 8.25 -2.72
C ASN A 72 21.87 7.31 -3.92
N ASP A 73 22.64 6.24 -3.78
CA ASP A 73 22.79 5.23 -4.82
C ASP A 73 22.35 3.88 -4.25
N ALA A 74 21.13 3.45 -4.60
CA ALA A 74 20.61 2.18 -4.13
C ALA A 74 20.85 1.06 -5.10
N THR A 75 21.64 1.32 -6.15
CA THR A 75 21.85 0.36 -7.21
C THR A 75 22.52 -0.88 -6.66
N ILE A 76 21.98 -2.04 -7.06
CA ILE A 76 22.53 -3.35 -6.71
C ILE A 76 22.80 -4.13 -7.99
N THR A 77 23.63 -5.15 -7.84
CA THR A 77 23.79 -6.16 -8.88
C THR A 77 23.40 -7.52 -8.31
N LEU A 78 22.72 -8.29 -9.15
CA LEU A 78 22.15 -9.57 -8.83
C LEU A 78 22.85 -10.60 -9.71
N HIS A 79 23.24 -11.72 -9.10
CA HIS A 79 24.15 -12.68 -9.71
C HIS A 79 23.56 -14.07 -9.56
N ASN A 80 24.07 -15.00 -10.36
CA ASN A 80 23.49 -16.35 -10.47
C ASN A 80 21.97 -16.26 -10.60
N ILE A 81 21.54 -15.61 -11.68
CA ILE A 81 20.13 -15.27 -11.82
C ILE A 81 19.31 -16.54 -11.98
N GLY A 82 18.17 -16.58 -11.29
CA GLY A 82 17.34 -17.76 -11.21
C GLY A 82 15.93 -17.41 -11.63
N PHE A 83 15.12 -18.45 -11.89
CA PHE A 83 13.73 -18.22 -12.29
C PHE A 83 12.99 -17.36 -11.28
N SER A 84 13.21 -17.59 -9.99
CA SER A 84 12.42 -16.85 -9.01
C SER A 84 12.81 -15.37 -8.96
N ASP A 85 13.92 -14.98 -9.58
CA ASP A 85 14.26 -13.56 -9.59
C ASP A 85 13.36 -12.75 -10.50
N SER A 86 12.55 -13.42 -11.31
CA SER A 86 11.56 -12.76 -12.14
C SER A 86 10.48 -12.10 -11.27
N GLY A 87 9.96 -10.98 -11.74
CA GLY A 87 8.86 -10.34 -11.04
C GLY A 87 9.06 -8.85 -10.94
N LYS A 88 8.33 -8.23 -10.02
CA LYS A 88 8.31 -6.78 -9.88
C LYS A 88 9.01 -6.39 -8.59
N TYR A 89 9.91 -5.44 -8.70
CA TYR A 89 10.67 -4.89 -7.58
C TYR A 89 10.30 -3.43 -7.40
N ILE A 90 10.55 -2.92 -6.21
CA ILE A 90 10.39 -1.50 -5.95
C ILE A 90 11.64 -1.00 -5.25
N CYS A 91 12.24 0.05 -5.80
CA CYS A 91 13.24 0.79 -5.05
C CYS A 91 12.50 1.72 -4.09
N LYS A 92 12.98 1.82 -2.85
CA LYS A 92 12.26 2.57 -1.82
C LYS A 92 13.23 3.35 -0.93
N ALA A 93 13.05 4.66 -0.88
CA ALA A 93 13.79 5.53 0.03
C ALA A 93 12.86 6.02 1.13
N VAL A 94 13.18 5.70 2.38
CA VAL A 94 12.49 6.24 3.53
C VAL A 94 13.26 7.48 3.95
N THR A 95 12.55 8.61 4.08
CA THR A 95 13.20 9.87 4.40
C THR A 95 12.67 10.44 5.71
N PHE A 96 13.43 11.37 6.28
CA PHE A 96 13.03 12.11 7.45
C PHE A 96 12.86 13.61 7.15
N PRO A 97 11.67 14.19 7.40
CA PRO A 97 10.54 13.59 8.11
C PRO A 97 9.41 13.02 7.24
N LEU A 98 9.39 13.33 5.95
CA LEU A 98 8.18 13.04 5.20
C LEU A 98 7.95 11.56 4.91
N GLY A 99 8.94 10.69 5.11
CA GLY A 99 8.72 9.27 4.92
C GLY A 99 9.16 8.71 3.58
N ASN A 100 8.49 7.66 3.13
CA ASN A 100 8.97 6.85 2.02
C ASN A 100 8.54 7.38 0.66
N ALA A 101 9.36 7.09 -0.34
CA ALA A 101 9.07 7.30 -1.75
C ALA A 101 9.59 6.07 -2.50
N GLN A 102 8.98 5.76 -3.64
CA GLN A 102 9.30 4.51 -4.30
C GLN A 102 9.04 4.57 -5.79
N SER A 103 9.63 3.60 -6.50
CA SER A 103 9.42 3.39 -7.92
C SER A 103 9.72 1.93 -8.23
N SER A 104 9.09 1.40 -9.27
CA SER A 104 9.13 -0.02 -9.55
C SER A 104 10.00 -0.31 -10.77
N THR A 105 10.60 -1.51 -10.76
CA THR A 105 11.32 -2.10 -11.88
C THR A 105 10.82 -3.52 -12.04
N THR A 106 10.52 -3.93 -13.26
CA THR A 106 10.05 -5.29 -13.52
C THR A 106 11.14 -6.07 -14.24
N VAL A 107 11.36 -7.32 -13.83
CA VAL A 107 12.48 -8.13 -14.26
C VAL A 107 11.95 -9.36 -14.97
N THR A 108 12.40 -9.58 -16.20
CA THR A 108 12.14 -10.80 -16.94
C THR A 108 13.40 -11.65 -17.00
N VAL A 109 13.26 -12.96 -16.79
CA VAL A 109 14.38 -13.89 -16.78
C VAL A 109 14.30 -14.70 -18.07
N LEU A 110 15.36 -14.65 -18.87
CA LEU A 110 15.47 -15.43 -20.09
C LEU A 110 16.51 -16.52 -19.86
N VAL A 111 16.39 -17.61 -20.60
CA VAL A 111 17.38 -18.69 -20.54
C VAL A 111 17.98 -18.89 -21.93
N GLU A 112 19.31 -18.87 -22.01
CA GLU A 112 19.97 -19.07 -23.30
C GLU A 112 19.79 -20.52 -23.74
N PRO A 113 19.48 -20.75 -25.01
CA PRO A 113 19.46 -22.12 -25.52
C PRO A 113 20.88 -22.67 -25.63
N THR A 114 20.99 -23.98 -25.45
CA THR A 114 22.21 -24.71 -25.73
C THR A 114 22.15 -25.26 -27.15
N VAL A 115 23.06 -24.79 -28.00
CA VAL A 115 22.97 -25.00 -29.45
C VAL A 115 24.02 -26.02 -29.88
N SER A 116 23.61 -26.99 -30.69
CA SER A 116 24.54 -27.95 -31.27
C SER A 116 24.13 -28.31 -32.69
N LEU A 117 25.11 -28.62 -33.52
CA LEU A 117 24.88 -29.04 -34.90
C LEU A 117 25.57 -30.38 -35.13
N ILE A 118 24.84 -31.34 -35.71
CA ILE A 118 25.37 -32.66 -36.01
C ILE A 118 25.08 -33.00 -37.46
N LYS A 119 25.90 -33.88 -38.00
CA LYS A 119 25.90 -34.19 -39.42
C LYS A 119 24.84 -35.26 -39.84
N GLY A 120 23.90 -35.61 -38.99
CA GLY A 120 22.83 -36.49 -39.42
C GLY A 120 23.28 -37.92 -39.53
N PRO A 121 22.32 -38.86 -39.42
CA PRO A 121 22.64 -40.25 -39.07
C PRO A 121 23.17 -41.06 -40.24
N ASP A 122 22.52 -40.91 -41.40
CA ASP A 122 22.82 -41.67 -42.60
C ASP A 122 23.81 -40.89 -43.44
N SER A 123 24.52 -41.60 -44.31
CA SER A 123 25.53 -40.95 -45.14
C SER A 123 24.94 -40.53 -46.49
N LEU A 124 25.61 -39.56 -47.12
CA LEU A 124 25.03 -38.71 -48.16
C LEU A 124 25.32 -39.27 -49.55
N ILE A 125 24.31 -39.93 -50.16
CA ILE A 125 24.51 -40.53 -51.48
C ILE A 125 23.49 -39.99 -52.48
N ASP A 126 23.99 -39.89 -53.72
CA ASP A 126 23.55 -39.02 -54.77
C ASP A 126 22.31 -39.53 -55.50
N GLY A 127 21.59 -38.59 -56.13
CA GLY A 127 20.40 -38.85 -56.91
C GLY A 127 19.26 -39.48 -56.14
N GLY A 128 19.41 -39.68 -54.83
CA GLY A 128 18.51 -40.53 -54.08
C GLY A 128 17.44 -39.75 -53.34
N ASN A 129 16.82 -40.45 -52.39
CA ASN A 129 15.73 -39.90 -51.62
C ASN A 129 16.24 -38.82 -50.68
N GLU A 130 15.31 -38.05 -50.11
CA GLU A 130 15.70 -37.04 -49.15
C GLU A 130 16.44 -37.67 -48.00
N THR A 131 17.48 -36.99 -47.55
CA THR A 131 18.33 -37.44 -46.48
C THR A 131 18.58 -36.24 -45.57
N VAL A 132 18.66 -36.53 -44.26
CA VAL A 132 18.92 -35.50 -43.26
C VAL A 132 20.42 -35.20 -43.29
N ALA A 133 20.78 -34.01 -43.79
CA ALA A 133 22.19 -33.66 -43.87
C ALA A 133 22.73 -33.17 -42.55
N ALA A 134 21.90 -32.53 -41.75
CA ALA A 134 22.35 -31.96 -40.50
C ALA A 134 21.14 -31.74 -39.61
N VAL A 135 21.38 -31.78 -38.30
CA VAL A 135 20.36 -31.54 -37.29
C VAL A 135 20.88 -30.40 -36.41
N CYS A 136 20.07 -29.36 -36.26
CA CYS A 136 20.38 -28.24 -35.38
C CYS A 136 19.41 -28.25 -34.19
N VAL A 137 19.96 -28.15 -32.99
CA VAL A 137 19.17 -28.19 -31.76
C VAL A 137 19.54 -26.96 -30.95
N ALA A 138 18.52 -26.18 -30.58
CA ALA A 138 18.65 -25.10 -29.61
C ALA A 138 17.83 -25.51 -28.39
N ALA A 139 18.51 -26.04 -27.36
CA ALA A 139 17.83 -26.76 -26.30
C ALA A 139 17.55 -25.87 -25.10
N THR A 140 16.35 -26.06 -24.51
CA THR A 140 15.91 -25.50 -23.23
C THR A 140 16.27 -24.02 -23.11
N GLY A 141 15.77 -23.25 -24.07
CA GLY A 141 15.90 -21.81 -24.07
C GLY A 141 14.56 -21.19 -23.71
N LYS A 142 14.61 -20.00 -23.15
CA LYS A 142 13.38 -19.34 -22.76
C LYS A 142 13.44 -17.92 -23.27
N PRO A 143 12.54 -17.58 -24.20
CA PRO A 143 11.57 -18.50 -24.81
C PRO A 143 12.25 -19.42 -25.84
N VAL A 144 11.46 -20.10 -26.70
CA VAL A 144 12.07 -21.02 -27.66
C VAL A 144 12.82 -20.22 -28.72
N ALA A 145 13.98 -20.71 -29.11
CA ALA A 145 14.72 -20.06 -30.19
C ALA A 145 14.00 -20.25 -31.54
N GLN A 146 14.46 -19.51 -32.52
CA GLN A 146 14.15 -19.76 -33.92
C GLN A 146 15.39 -20.26 -34.64
N ILE A 147 15.20 -21.23 -35.51
CA ILE A 147 16.28 -21.79 -36.30
C ILE A 147 15.99 -21.55 -37.77
N ASP A 148 16.96 -20.94 -38.45
CA ASP A 148 16.96 -20.69 -39.88
C ASP A 148 18.22 -21.32 -40.49
N TRP A 149 18.18 -21.56 -41.80
CA TRP A 149 19.32 -22.17 -42.47
C TRP A 149 19.82 -21.30 -43.62
N GLU A 150 21.13 -21.27 -43.79
CA GLU A 150 21.77 -20.59 -44.92
C GLU A 150 22.55 -21.57 -45.78
N GLY A 151 22.56 -21.31 -47.08
CA GLY A 151 22.95 -22.29 -48.06
C GLY A 151 21.68 -22.93 -48.56
N ASP A 152 21.33 -22.71 -49.82
CA ASP A 152 20.01 -23.07 -50.35
C ASP A 152 20.11 -24.41 -51.06
N LEU A 153 20.11 -25.49 -50.26
CA LEU A 153 20.25 -26.82 -50.79
C LEU A 153 19.11 -27.75 -50.40
N GLY A 154 18.09 -27.26 -49.70
CA GLY A 154 16.97 -28.11 -49.35
C GLY A 154 15.98 -27.40 -48.45
N GLU A 155 15.15 -28.20 -47.79
CA GLU A 155 14.09 -27.70 -46.93
C GLU A 155 14.34 -28.18 -45.50
N MET A 156 13.71 -27.54 -44.53
CA MET A 156 13.87 -27.93 -43.14
C MET A 156 12.56 -28.42 -42.55
N GLU A 157 12.68 -29.21 -41.47
CA GLU A 157 11.56 -29.68 -40.68
C GLU A 157 11.94 -29.53 -39.22
N SER A 158 11.04 -28.99 -38.40
CA SER A 158 11.38 -28.71 -37.02
C SER A 158 10.23 -29.06 -36.09
N SER A 159 10.58 -29.41 -34.84
CA SER A 159 9.63 -29.70 -33.79
C SER A 159 10.05 -28.98 -32.51
N THR A 160 9.07 -28.71 -31.65
CA THR A 160 9.27 -27.98 -30.41
C THR A 160 8.67 -28.79 -29.26
N THR A 161 9.43 -28.93 -28.17
CA THR A 161 8.99 -29.65 -26.97
C THR A 161 9.17 -28.76 -25.74
N SER A 162 8.06 -28.34 -25.14
CA SER A 162 8.06 -27.47 -23.97
C SER A 162 8.26 -28.26 -22.67
N PHE A 163 8.65 -27.54 -21.62
CA PHE A 163 9.04 -28.10 -20.33
C PHE A 163 8.40 -27.33 -19.19
N PRO A 164 8.36 -27.90 -17.98
CA PRO A 164 7.61 -27.25 -16.90
C PRO A 164 8.22 -25.93 -16.44
N ASN A 165 9.56 -25.81 -16.49
CA ASN A 165 10.22 -24.59 -16.08
C ASN A 165 10.12 -23.46 -17.11
N GLU A 166 9.39 -23.71 -18.20
CA GLU A 166 9.06 -22.72 -19.22
C GLU A 166 10.22 -22.45 -20.17
N THR A 167 11.15 -23.38 -20.29
CA THR A 167 12.11 -23.43 -21.37
C THR A 167 11.64 -24.44 -22.42
N ALA A 168 12.07 -24.24 -23.65
CA ALA A 168 11.62 -25.10 -24.73
C ALA A 168 12.80 -25.49 -25.58
N THR A 169 12.74 -26.71 -26.10
CA THR A 169 13.71 -27.24 -27.04
C THR A 169 13.09 -27.30 -28.43
N ILE A 170 13.84 -26.84 -29.42
CA ILE A 170 13.46 -26.91 -30.83
C ILE A 170 14.56 -27.64 -31.57
N VAL A 171 14.17 -28.64 -32.36
CA VAL A 171 15.10 -29.45 -33.13
C VAL A 171 14.74 -29.30 -34.59
N SER A 172 15.71 -28.90 -35.40
CA SER A 172 15.48 -28.63 -36.82
C SER A 172 16.38 -29.55 -37.64
N GLN A 173 15.76 -30.37 -38.47
CA GLN A 173 16.48 -31.20 -39.44
C GLN A 173 16.43 -30.52 -40.79
N TYR A 174 17.59 -30.45 -41.45
CA TYR A 174 17.72 -29.94 -42.81
C TYR A 174 17.79 -31.13 -43.76
N LYS A 175 16.83 -31.22 -44.66
N LYS A 175 16.82 -31.23 -44.65
CA LYS A 175 16.75 -32.32 -45.61
CA LYS A 175 16.77 -32.32 -45.62
C LYS A 175 17.06 -31.81 -47.02
C LYS A 175 17.10 -31.80 -47.01
N LEU A 176 17.71 -32.67 -47.81
CA LEU A 176 18.11 -32.33 -49.17
C LEU A 176 18.20 -33.58 -50.01
N PHE A 177 18.13 -33.38 -51.33
CA PHE A 177 18.45 -34.45 -52.28
C PHE A 177 19.91 -34.33 -52.65
N PRO A 178 20.77 -35.26 -52.23
CA PRO A 178 22.21 -35.07 -52.46
C PRO A 178 22.59 -35.05 -53.95
N THR A 179 23.57 -34.22 -54.28
CA THR A 179 24.05 -34.03 -55.64
C THR A 179 25.56 -33.80 -55.63
N ARG A 180 26.24 -34.31 -56.67
CA ARG A 180 27.62 -33.93 -56.91
C ARG A 180 27.78 -32.42 -56.92
N PHE A 181 26.74 -31.70 -57.35
CA PHE A 181 26.71 -30.24 -57.35
C PHE A 181 26.82 -29.66 -55.95
N ALA A 182 26.43 -30.41 -54.91
CA ALA A 182 26.38 -29.87 -53.56
C ALA A 182 27.67 -30.08 -52.76
N ARG A 183 28.64 -30.85 -53.26
CA ARG A 183 29.85 -31.04 -52.48
C ARG A 183 30.74 -29.81 -52.60
N GLY A 184 31.55 -29.59 -51.56
CA GLY A 184 32.20 -28.33 -51.36
C GLY A 184 31.29 -27.26 -50.76
N ARG A 185 29.97 -27.39 -50.91
CA ARG A 185 29.04 -26.46 -50.27
C ARG A 185 29.11 -26.52 -48.77
N ARG A 186 28.83 -25.37 -48.14
CA ARG A 186 28.69 -25.27 -46.69
C ARG A 186 27.24 -24.99 -46.33
N ILE A 187 26.70 -25.78 -45.40
CA ILE A 187 25.39 -25.52 -44.82
C ILE A 187 25.59 -24.86 -43.47
N THR A 188 24.71 -23.93 -43.13
CA THR A 188 24.86 -23.12 -41.93
C THR A 188 23.56 -23.12 -41.14
N CYS A 189 23.66 -23.37 -39.83
CA CYS A 189 22.55 -23.21 -38.91
C CYS A 189 22.66 -21.83 -38.25
N VAL A 190 21.54 -21.11 -38.24
CA VAL A 190 21.45 -19.79 -37.60
C VAL A 190 20.35 -19.89 -36.57
N VAL A 191 20.67 -19.52 -35.33
N VAL A 191 20.68 -19.64 -35.31
CA VAL A 191 19.75 -19.62 -34.18
CA VAL A 191 19.69 -19.62 -34.24
C VAL A 191 19.55 -18.23 -33.60
C VAL A 191 19.54 -18.20 -33.75
N LYS A 192 18.29 -17.79 -33.55
CA LYS A 192 17.94 -16.47 -33.03
C LYS A 192 17.28 -16.60 -31.65
N HIS A 193 17.68 -15.73 -30.72
CA HIS A 193 17.10 -15.81 -29.40
C HIS A 193 17.35 -14.49 -28.68
N PRO A 194 16.38 -13.97 -27.94
CA PRO A 194 16.57 -12.68 -27.26
C PRO A 194 17.66 -12.67 -26.21
N ALA A 195 18.11 -13.82 -25.70
CA ALA A 195 19.21 -13.77 -24.74
C ALA A 195 20.56 -13.62 -25.42
N LEU A 196 20.59 -13.70 -26.75
CA LEU A 196 21.80 -13.65 -27.54
C LEU A 196 22.04 -12.22 -28.06
N GLU A 197 23.29 -11.77 -27.93
CA GLU A 197 23.70 -10.49 -28.51
C GLU A 197 23.69 -10.55 -30.04
N LYS A 198 24.12 -11.67 -30.62
CA LYS A 198 24.02 -11.95 -32.03
C LYS A 198 23.45 -13.36 -32.20
N ASP A 199 23.00 -13.66 -33.41
CA ASP A 199 22.63 -15.03 -33.76
C ASP A 199 23.83 -15.96 -33.65
N ILE A 200 23.59 -17.16 -33.11
CA ILE A 200 24.61 -18.20 -33.10
C ILE A 200 24.64 -18.83 -34.49
N ARG A 201 25.84 -19.19 -34.96
CA ARG A 201 26.01 -19.79 -36.27
C ARG A 201 26.96 -20.98 -36.21
N TYR A 202 26.49 -22.14 -36.68
CA TYR A 202 27.36 -23.30 -36.85
C TYR A 202 27.15 -23.83 -38.26
N SER A 203 28.26 -24.15 -38.91
CA SER A 203 28.26 -24.54 -40.31
C SER A 203 29.25 -25.67 -40.52
N PHE A 204 29.08 -26.38 -41.62
CA PHE A 204 30.10 -27.34 -42.05
C PHE A 204 29.90 -27.64 -43.53
N ILE A 205 30.99 -28.09 -44.15
CA ILE A 205 30.96 -28.40 -45.58
C ILE A 205 30.28 -29.74 -45.79
N LEU A 206 29.27 -29.75 -46.67
CA LEU A 206 28.64 -30.99 -47.09
C LEU A 206 29.63 -31.91 -47.77
N ASP A 207 29.60 -33.17 -47.39
CA ASP A 207 30.42 -34.19 -48.02
C ASP A 207 29.44 -35.13 -48.71
N ILE A 208 29.38 -35.07 -50.04
CA ILE A 208 28.59 -36.05 -50.80
C ILE A 208 29.55 -36.98 -51.51
N GLN A 209 29.29 -38.28 -51.38
CA GLN A 209 30.20 -39.35 -51.74
C GLN A 209 31.59 -39.07 -51.16
N PRO B 1 -0.56 -5.89 13.28
CA PRO B 1 0.55 -6.85 13.48
C PRO B 1 1.02 -6.88 14.96
N SER B 2 2.27 -6.51 15.16
CA SER B 2 2.78 -6.15 16.48
C SER B 2 2.72 -4.64 16.71
N ILE B 3 1.94 -3.92 15.91
CA ILE B 3 1.69 -2.49 16.10
C ILE B 3 0.35 -2.39 16.84
N ILE B 4 0.40 -2.09 18.14
CA ILE B 4 -0.80 -2.09 18.97
C ILE B 4 -1.38 -0.68 19.04
N VAL B 5 -2.61 -0.53 18.53
CA VAL B 5 -3.31 0.74 18.50
C VAL B 5 -4.79 0.49 18.78
N GLU B 6 -5.52 1.55 19.10
CA GLU B 6 -6.97 1.42 19.20
C GLU B 6 -7.59 1.51 17.82
N PRO B 7 -8.44 0.57 17.43
CA PRO B 7 -8.94 0.61 16.05
C PRO B 7 -9.87 1.78 15.78
N HIS B 8 -10.70 2.16 16.74
CA HIS B 8 -11.64 3.24 16.51
C HIS B 8 -11.71 4.13 17.73
N VAL B 9 -11.72 5.44 17.49
CA VAL B 9 -11.57 6.44 18.53
C VAL B 9 -12.45 7.64 18.23
N THR B 10 -13.05 8.20 19.26
CA THR B 10 -13.77 9.45 19.13
C THR B 10 -12.93 10.56 19.72
N ALA B 11 -13.15 11.76 19.21
CA ALA B 11 -12.44 12.96 19.63
C ALA B 11 -13.42 14.12 19.71
N VAL B 12 -13.40 14.83 20.80
CA VAL B 12 -14.34 15.91 20.99
C VAL B 12 -13.74 17.22 20.48
N TRP B 13 -14.50 17.90 19.63
CA TRP B 13 -14.10 19.15 19.03
C TRP B 13 -13.57 20.10 20.08
N GLY B 14 -12.37 20.63 19.86
CA GLY B 14 -11.77 21.62 20.72
C GLY B 14 -11.18 21.09 22.01
N LYS B 15 -11.16 19.77 22.19
CA LYS B 15 -10.47 19.17 23.30
C LYS B 15 -9.28 18.35 22.78
N ASN B 16 -8.85 17.36 23.57
CA ASN B 16 -7.70 16.52 23.31
C ASN B 16 -8.14 15.09 23.02
N VAL B 17 -7.23 14.34 22.38
CA VAL B 17 -7.38 12.90 22.21
C VAL B 17 -6.00 12.26 22.11
N SER B 18 -5.89 11.05 22.61
CA SER B 18 -4.63 10.32 22.62
C SER B 18 -4.66 9.29 21.51
N LEU B 19 -3.65 9.30 20.65
CA LEU B 19 -3.53 8.31 19.59
C LEU B 19 -2.47 7.32 20.08
N LYS B 20 -2.93 6.21 20.63
CA LYS B 20 -2.07 5.25 21.28
C LYS B 20 -1.38 4.36 20.25
N CYS B 21 -0.09 4.08 20.46
CA CYS B 21 0.64 3.14 19.59
C CYS B 21 1.81 2.54 20.34
N LEU B 22 1.78 1.24 20.57
CA LEU B 22 2.89 0.51 21.16
C LEU B 22 3.50 -0.43 20.14
N ILE B 23 4.84 -0.43 20.07
CA ILE B 23 5.56 -1.11 19.00
C ILE B 23 6.36 -2.25 19.62
N GLU B 24 5.87 -3.46 19.44
CA GLU B 24 6.57 -4.63 19.99
C GLU B 24 7.07 -5.54 18.86
N VAL B 25 7.97 -5.03 18.02
CA VAL B 25 8.43 -5.78 16.84
C VAL B 25 9.63 -6.68 17.14
N ASN B 26 10.39 -6.40 18.21
CA ASN B 26 11.58 -7.19 18.56
C ASN B 26 12.62 -7.12 17.45
N GLU B 27 12.65 -5.98 16.78
CA GLU B 27 13.41 -5.68 15.60
C GLU B 27 14.13 -4.36 15.85
N THR B 28 15.14 -4.03 15.03
CA THR B 28 15.74 -2.70 15.14
C THR B 28 14.80 -1.65 14.55
N ILE B 29 14.47 -0.63 15.34
CA ILE B 29 13.56 0.42 14.91
C ILE B 29 14.36 1.50 14.21
N THR B 30 14.05 1.72 12.94
CA THR B 30 14.68 2.80 12.19
C THR B 30 14.00 4.14 12.49
N GLN B 31 12.69 4.22 12.31
CA GLN B 31 11.94 5.40 12.71
C GLN B 31 10.47 5.00 12.83
N ILE B 32 9.70 5.84 13.52
CA ILE B 32 8.28 5.61 13.76
C ILE B 32 7.52 6.87 13.39
N SER B 33 6.28 6.70 12.95
CA SER B 33 5.53 7.85 12.47
C SER B 33 4.03 7.58 12.54
N TRP B 34 3.26 8.67 12.67
CA TRP B 34 1.82 8.70 12.42
C TRP B 34 1.57 9.41 11.09
N GLU B 35 0.68 8.84 10.28
CA GLU B 35 0.30 9.42 8.99
C GLU B 35 -1.22 9.44 8.84
N LYS B 36 -1.71 10.27 7.93
CA LYS B 36 -3.14 10.40 7.68
C LYS B 36 -3.45 10.09 6.22
N ILE B 37 -4.49 9.27 5.99
CA ILE B 37 -4.89 8.92 4.62
C ILE B 37 -5.54 10.13 3.94
N HIS B 38 -5.13 10.40 2.69
CA HIS B 38 -5.72 11.45 1.86
C HIS B 38 -5.79 10.90 0.44
N GLY B 39 -6.96 10.40 0.06
CA GLY B 39 -7.06 9.65 -1.19
C GLY B 39 -6.29 8.36 -1.03
N LYS B 40 -5.42 8.06 -2.00
CA LYS B 40 -4.48 6.99 -1.81
C LYS B 40 -3.18 7.48 -1.15
N SER B 41 -2.78 8.71 -1.40
CA SER B 41 -1.59 9.23 -0.72
C SER B 41 -1.86 9.35 0.78
N THR B 42 -0.78 9.36 1.54
CA THR B 42 -0.82 9.63 2.96
C THR B 42 0.07 10.83 3.26
N GLN B 43 -0.30 11.55 4.30
CA GLN B 43 0.44 12.73 4.76
C GLN B 43 0.90 12.49 6.19
N THR B 44 2.10 12.98 6.50
CA THR B 44 2.74 12.71 7.78
C THR B 44 2.17 13.58 8.88
N VAL B 45 1.88 12.99 10.03
CA VAL B 45 1.44 13.78 11.16
C VAL B 45 2.64 14.03 12.06
N ALA B 46 3.33 12.98 12.50
CA ALA B 46 4.47 13.12 13.39
C ALA B 46 5.43 11.98 13.16
N VAL B 47 6.72 12.26 13.34
CA VAL B 47 7.82 11.34 13.06
C VAL B 47 8.72 11.34 14.27
N HIS B 48 9.19 10.17 14.65
CA HIS B 48 10.28 10.09 15.61
C HIS B 48 11.44 9.36 14.96
N HIS B 49 12.62 9.94 15.04
CA HIS B 49 13.81 9.32 14.49
C HIS B 49 14.87 9.30 15.58
N PRO B 50 15.56 8.19 15.77
CA PRO B 50 16.45 8.07 16.94
C PRO B 50 17.59 9.09 16.93
N GLN B 51 18.05 9.52 15.76
CA GLN B 51 19.09 10.53 15.74
C GLN B 51 18.56 11.94 15.46
N TYR B 52 17.48 12.07 14.70
CA TYR B 52 16.97 13.36 14.25
C TYR B 52 15.80 13.88 15.08
N GLY B 53 15.38 13.19 16.13
CA GLY B 53 14.33 13.72 16.98
C GLY B 53 12.94 13.73 16.37
N PHE B 54 12.02 14.38 17.08
CA PHE B 54 10.63 14.47 16.64
C PHE B 54 10.48 15.48 15.51
N SER B 55 9.39 15.33 14.77
CA SER B 55 8.94 16.34 13.82
C SER B 55 7.41 16.24 13.71
N VAL B 56 6.73 17.38 13.71
CA VAL B 56 5.29 17.45 13.49
C VAL B 56 5.06 18.28 12.24
N GLN B 57 4.11 17.86 11.40
CA GLN B 57 3.91 18.47 10.09
C GLN B 57 2.53 19.10 9.95
N GLY B 58 2.42 19.96 8.95
CA GLY B 58 1.14 20.48 8.48
C GLY B 58 0.43 21.31 9.54
N ASP B 59 -0.90 21.25 9.49
CA ASP B 59 -1.68 21.98 10.48
C ASP B 59 -1.68 21.28 11.84
N TYR B 60 -0.88 20.23 12.02
CA TYR B 60 -0.76 19.62 13.34
C TYR B 60 0.25 20.32 14.22
N GLN B 61 1.13 21.14 13.63
CA GLN B 61 2.16 21.81 14.42
C GLN B 61 1.53 22.68 15.50
N GLY B 62 2.13 22.64 16.70
CA GLY B 62 1.57 23.33 17.84
C GLY B 62 0.44 22.60 18.52
N ARG B 63 -0.07 21.50 17.95
CA ARG B 63 -1.17 20.72 18.54
C ARG B 63 -0.85 19.25 18.82
N VAL B 64 0.39 18.80 18.62
CA VAL B 64 0.75 17.39 18.80
C VAL B 64 1.89 17.28 19.80
N LEU B 65 1.71 16.42 20.79
CA LEU B 65 2.79 16.05 21.69
C LEU B 65 3.11 14.57 21.56
N PHE B 66 4.41 14.24 21.50
CA PHE B 66 4.84 12.87 21.70
C PHE B 66 4.84 12.58 23.19
N LYS B 67 4.23 11.45 23.58
CA LYS B 67 4.11 11.10 24.99
C LYS B 67 5.49 11.00 25.64
N ASN B 68 6.41 10.26 25.01
CA ASN B 68 7.74 10.05 25.57
C ASN B 68 8.69 9.66 24.47
N TYR B 69 9.96 9.55 24.84
CA TYR B 69 11.09 9.41 23.92
C TYR B 69 11.37 7.98 23.47
N SER B 70 10.73 6.98 24.06
CA SER B 70 10.97 5.61 23.66
C SER B 70 10.57 5.36 22.21
N LEU B 71 11.47 4.76 21.44
CA LEU B 71 11.12 4.36 20.07
C LEU B 71 10.04 3.28 20.02
N ASN B 72 9.78 2.57 21.11
CA ASN B 72 8.75 1.53 21.10
C ASN B 72 7.38 2.05 21.53
N ASP B 73 7.27 3.36 21.78
CA ASP B 73 6.02 4.00 22.23
C ASP B 73 5.76 5.18 21.29
N ALA B 74 4.92 4.96 20.31
CA ALA B 74 4.58 5.97 19.31
C ALA B 74 3.37 6.81 19.70
N THR B 75 2.92 6.72 20.94
CA THR B 75 1.70 7.42 21.34
C THR B 75 1.89 8.93 21.23
N ILE B 76 0.91 9.60 20.62
CA ILE B 76 0.86 11.05 20.62
C ILE B 76 -0.49 11.50 21.17
N THR B 77 -0.55 12.76 21.57
CA THR B 77 -1.81 13.41 21.92
C THR B 77 -2.02 14.59 20.99
N LEU B 78 -3.26 14.70 20.52
CA LEU B 78 -3.69 15.73 19.59
C LEU B 78 -4.59 16.71 20.35
N HIS B 79 -4.44 17.99 20.05
CA HIS B 79 -5.06 19.07 20.80
C HIS B 79 -5.73 20.05 19.86
N ASN B 80 -6.63 20.87 20.42
CA ASN B 80 -7.44 21.82 19.67
C ASN B 80 -8.11 21.14 18.48
N ILE B 81 -8.77 20.01 18.76
CA ILE B 81 -9.35 19.18 17.72
C ILE B 81 -10.36 19.94 16.88
N GLY B 82 -10.28 19.75 15.55
CA GLY B 82 -11.24 20.31 14.62
C GLY B 82 -11.78 19.26 13.67
N PHE B 83 -12.67 19.70 12.79
CA PHE B 83 -13.36 18.74 11.92
C PHE B 83 -12.37 18.00 11.04
N SER B 84 -11.32 18.68 10.56
CA SER B 84 -10.37 18.04 9.66
C SER B 84 -9.57 16.95 10.33
N ASP B 85 -9.54 16.90 11.67
CA ASP B 85 -8.84 15.82 12.35
C ASP B 85 -9.55 14.48 12.25
N SER B 86 -10.75 14.42 11.70
CA SER B 86 -11.39 13.12 11.52
C SER B 86 -10.75 12.38 10.35
N GLY B 87 -10.78 11.07 10.42
CA GLY B 87 -10.32 10.27 9.32
C GLY B 87 -9.50 9.11 9.82
N LYS B 88 -8.78 8.50 8.88
CA LYS B 88 -8.00 7.29 9.16
C LYS B 88 -6.53 7.65 9.29
N TYR B 89 -5.94 7.27 10.42
CA TYR B 89 -4.53 7.47 10.70
C TYR B 89 -3.81 6.13 10.61
N ILE B 90 -2.51 6.18 10.34
CA ILE B 90 -1.65 5.01 10.28
C ILE B 90 -0.50 5.21 11.25
N CYS B 91 -0.35 4.30 12.21
CA CYS B 91 0.89 4.20 12.96
C CYS B 91 1.87 3.28 12.24
N LYS B 92 3.09 3.76 12.02
CA LYS B 92 4.03 3.04 11.17
C LYS B 92 5.36 2.91 11.90
N ALA B 93 5.89 1.69 11.94
CA ALA B 93 7.25 1.42 12.41
C ALA B 93 8.06 0.98 11.20
N VAL B 94 9.09 1.74 10.86
CA VAL B 94 10.08 1.26 9.90
C VAL B 94 11.21 0.62 10.67
N THR B 95 11.60 -0.57 10.24
CA THR B 95 12.54 -1.37 11.00
C THR B 95 13.69 -1.80 10.11
N PHE B 96 14.78 -2.18 10.75
CA PHE B 96 15.95 -2.70 10.06
C PHE B 96 16.24 -4.13 10.49
N PRO B 97 16.40 -5.07 9.55
CA PRO B 97 16.32 -4.99 8.06
C PRO B 97 14.98 -5.21 7.34
N LEU B 98 13.89 -5.57 8.04
CA LEU B 98 12.73 -6.10 7.35
C LEU B 98 11.85 -5.01 6.79
N GLY B 99 12.02 -3.76 7.21
CA GLY B 99 11.20 -2.67 6.71
C GLY B 99 9.97 -2.30 7.52
N ASN B 100 8.92 -1.89 6.84
CA ASN B 100 7.81 -1.22 7.49
C ASN B 100 6.75 -2.19 7.99
N ALA B 101 6.05 -1.77 9.04
CA ALA B 101 4.88 -2.43 9.56
C ALA B 101 3.94 -1.32 10.03
N GLN B 102 2.65 -1.63 10.12
CA GLN B 102 1.70 -0.57 10.42
C GLN B 102 0.40 -1.12 10.99
N SER B 103 -0.39 -0.21 11.58
CA SER B 103 -1.77 -0.46 11.97
C SER B 103 -2.52 0.87 11.97
N SER B 104 -3.82 0.81 11.69
CA SER B 104 -4.64 1.99 11.45
C SER B 104 -5.56 2.28 12.64
N THR B 105 -5.86 3.58 12.83
CA THR B 105 -6.82 4.07 13.82
C THR B 105 -7.71 5.10 13.13
N THR B 106 -9.03 4.88 13.12
CA THR B 106 -9.97 5.85 12.56
C THR B 106 -10.49 6.76 13.67
N VAL B 107 -10.59 8.05 13.37
CA VAL B 107 -11.02 9.05 14.35
C VAL B 107 -12.33 9.70 13.90
N THR B 108 -13.29 9.72 14.80
CA THR B 108 -14.56 10.41 14.61
C THR B 108 -14.63 11.63 15.52
N VAL B 109 -14.86 12.81 14.93
CA VAL B 109 -14.92 14.04 15.70
C VAL B 109 -16.36 14.27 16.14
N LEU B 110 -16.56 14.49 17.43
CA LEU B 110 -17.86 14.82 17.98
C LEU B 110 -17.81 16.27 18.47
N VAL B 111 -18.98 16.88 18.53
CA VAL B 111 -19.15 18.25 19.01
C VAL B 111 -20.17 18.23 20.13
N GLU B 112 -19.84 18.85 21.25
CA GLU B 112 -20.78 18.93 22.37
C GLU B 112 -21.94 19.85 22.00
N PRO B 113 -23.17 19.47 22.29
CA PRO B 113 -24.30 20.39 22.04
C PRO B 113 -24.32 21.50 23.08
N THR B 114 -24.90 22.63 22.68
CA THR B 114 -25.18 23.73 23.59
C THR B 114 -26.65 23.64 24.03
N VAL B 115 -26.87 23.31 25.28
CA VAL B 115 -28.21 23.05 25.78
C VAL B 115 -28.76 24.26 26.54
N SER B 116 -30.06 24.54 26.32
CA SER B 116 -30.78 25.53 27.11
C SER B 116 -32.22 25.07 27.32
N LEU B 117 -32.78 25.38 28.49
CA LEU B 117 -34.17 25.10 28.78
C LEU B 117 -34.90 26.43 28.98
N ILE B 118 -36.01 26.62 28.28
CA ILE B 118 -36.73 27.89 28.30
C ILE B 118 -38.21 27.64 28.54
N LYS B 119 -38.88 28.64 29.13
CA LYS B 119 -40.31 28.53 29.37
C LYS B 119 -41.08 28.86 28.09
N GLY B 120 -42.26 28.25 27.97
CA GLY B 120 -43.14 28.50 26.85
C GLY B 120 -43.56 29.95 26.81
N PRO B 121 -44.04 30.39 25.64
CA PRO B 121 -44.37 31.81 25.47
C PRO B 121 -45.69 32.21 26.13
N ASP B 122 -46.62 31.28 26.27
CA ASP B 122 -47.93 31.54 26.84
C ASP B 122 -48.03 30.96 28.25
N SER B 123 -48.79 31.64 29.10
CA SER B 123 -49.07 31.18 30.46
C SER B 123 -50.04 30.00 30.44
N LEU B 124 -49.82 29.05 31.35
CA LEU B 124 -50.58 27.79 31.39
C LEU B 124 -51.84 27.87 32.25
N ILE B 125 -52.98 28.21 31.66
CA ILE B 125 -54.24 28.38 32.38
C ILE B 125 -54.90 27.04 32.60
N ASP B 126 -55.34 26.76 33.83
CA ASP B 126 -56.05 25.51 34.14
C ASP B 126 -57.35 25.43 33.37
N GLY B 127 -57.71 24.21 32.97
CA GLY B 127 -58.80 23.97 32.06
C GLY B 127 -58.56 24.42 30.64
N GLY B 128 -57.39 24.96 30.31
N GLY B 128 -57.36 24.97 30.33
CA GLY B 128 -57.15 25.44 28.98
CA GLY B 128 -57.07 25.47 29.00
C GLY B 128 -56.77 24.35 28.00
C GLY B 128 -56.61 24.38 28.03
N ASN B 129 -56.53 24.77 26.76
CA ASN B 129 -56.12 23.83 25.71
C ASN B 129 -54.62 23.53 25.82
N GLU B 130 -54.19 22.50 25.08
CA GLU B 130 -52.79 22.12 25.04
C GLU B 130 -51.90 23.34 24.81
N THR B 131 -50.94 23.55 25.73
CA THR B 131 -50.02 24.66 25.65
C THR B 131 -48.60 24.12 25.73
N VAL B 132 -47.67 24.86 25.11
CA VAL B 132 -46.25 24.54 25.21
C VAL B 132 -45.75 25.07 26.54
N ALA B 133 -45.37 24.14 27.44
CA ALA B 133 -44.95 24.56 28.77
C ALA B 133 -43.45 24.87 28.84
N ALA B 134 -42.65 24.27 27.96
CA ALA B 134 -41.21 24.50 27.94
C ALA B 134 -40.64 24.07 26.59
N VAL B 135 -39.46 24.60 26.30
CA VAL B 135 -38.73 24.32 25.06
C VAL B 135 -37.29 24.00 25.40
N CYS B 136 -36.85 22.79 25.03
CA CYS B 136 -35.47 22.36 25.23
C CYS B 136 -34.72 22.34 23.89
N VAL B 137 -33.56 22.99 23.86
CA VAL B 137 -32.72 23.08 22.68
C VAL B 137 -31.38 22.44 22.99
N ALA B 138 -30.89 21.61 22.08
CA ALA B 138 -29.51 21.10 22.10
C ALA B 138 -28.94 21.49 20.74
N ALA B 139 -28.26 22.63 20.70
CA ALA B 139 -27.80 23.25 19.47
C ALA B 139 -26.44 22.71 19.04
N THR B 140 -26.30 22.53 17.71
CA THR B 140 -25.05 22.30 16.97
C THR B 140 -24.13 21.27 17.62
N GLY B 141 -24.69 20.10 17.89
CA GLY B 141 -23.91 18.95 18.33
C GLY B 141 -23.68 17.96 17.20
N LYS B 142 -22.57 17.23 17.30
CA LYS B 142 -22.27 16.15 16.36
C LYS B 142 -22.02 14.85 17.12
N PRO B 143 -22.84 13.83 16.85
CA PRO B 143 -24.08 13.92 16.08
C PRO B 143 -25.19 14.64 16.88
N VAL B 144 -26.44 14.64 16.38
CA VAL B 144 -27.48 15.37 17.09
C VAL B 144 -27.68 14.78 18.48
N ALA B 145 -27.93 15.66 19.46
CA ALA B 145 -28.18 15.14 20.79
C ALA B 145 -29.51 14.39 20.80
N GLN B 146 -29.75 13.71 21.91
CA GLN B 146 -31.04 13.11 22.19
C GLN B 146 -31.68 13.89 23.33
N ILE B 147 -32.98 14.22 23.21
CA ILE B 147 -33.72 14.91 24.26
C ILE B 147 -34.88 14.04 24.74
N ASP B 148 -34.91 13.76 26.05
CA ASP B 148 -36.01 13.11 26.73
C ASP B 148 -36.48 13.99 27.88
N TRP B 149 -37.72 13.75 28.32
CA TRP B 149 -38.36 14.54 29.36
C TRP B 149 -38.77 13.65 30.52
N GLU B 150 -38.65 14.17 31.74
CA GLU B 150 -39.10 13.48 32.93
C GLU B 150 -40.21 14.29 33.60
N GLY B 151 -41.12 13.56 34.26
CA GLY B 151 -42.36 14.13 34.76
C GLY B 151 -43.50 13.93 33.78
N ASP B 152 -44.32 12.91 33.98
CA ASP B 152 -45.32 12.54 32.97
C ASP B 152 -46.52 13.48 33.01
N LEU B 153 -46.29 14.69 32.53
CA LEU B 153 -47.35 15.67 32.54
C LEU B 153 -47.88 16.00 31.16
N GLY B 154 -47.22 15.52 30.10
CA GLY B 154 -47.67 15.81 28.75
C GLY B 154 -46.90 15.02 27.72
N GLU B 155 -46.78 15.58 26.51
CA GLU B 155 -46.17 14.91 25.39
C GLU B 155 -45.11 15.83 24.75
N MET B 156 -44.19 15.21 24.02
CA MET B 156 -43.07 15.90 23.41
C MET B 156 -43.23 16.00 21.89
N GLU B 157 -42.72 17.10 21.32
CA GLU B 157 -42.67 17.30 19.88
C GLU B 157 -41.31 17.93 19.55
N SER B 158 -40.61 17.40 18.54
CA SER B 158 -39.25 17.85 18.21
C SER B 158 -39.02 18.06 16.71
N SER B 159 -38.09 18.96 16.41
CA SER B 159 -37.53 19.13 15.07
C SER B 159 -36.00 19.16 15.13
N THR B 160 -35.37 18.74 14.04
CA THR B 160 -33.90 18.69 13.92
C THR B 160 -33.44 19.38 12.64
N THR B 161 -32.45 20.25 12.73
CA THR B 161 -31.81 20.83 11.54
C THR B 161 -30.33 20.50 11.50
N SER B 162 -29.89 19.80 10.44
CA SER B 162 -28.48 19.47 10.28
C SER B 162 -27.80 20.44 9.31
N PHE B 163 -26.51 20.68 9.56
CA PHE B 163 -25.75 21.77 8.95
C PHE B 163 -24.59 21.22 8.15
N PRO B 164 -24.03 22.01 7.21
CA PRO B 164 -22.96 21.46 6.36
C PRO B 164 -21.79 20.89 7.13
N ASN B 165 -21.44 21.47 8.28
CA ASN B 165 -20.33 20.91 9.06
C ASN B 165 -20.72 19.63 9.82
N GLU B 166 -21.94 19.15 9.65
CA GLU B 166 -22.44 17.88 10.16
C GLU B 166 -22.83 17.93 11.64
N THR B 167 -22.88 19.11 12.24
CA THR B 167 -23.57 19.27 13.50
C THR B 167 -25.07 19.45 13.24
N ALA B 168 -25.84 19.26 14.29
CA ALA B 168 -27.29 19.31 14.21
C ALA B 168 -27.83 19.95 15.48
N THR B 169 -28.85 20.78 15.33
CA THR B 169 -29.59 21.38 16.45
C THR B 169 -30.96 20.72 16.55
N ILE B 170 -31.33 20.27 17.74
CA ILE B 170 -32.66 19.69 17.94
C ILE B 170 -33.44 20.57 18.89
N VAL B 171 -34.66 20.91 18.50
CA VAL B 171 -35.56 21.73 19.31
C VAL B 171 -36.76 20.85 19.70
N SER B 172 -36.97 20.69 21.01
CA SER B 172 -38.04 19.85 21.54
C SER B 172 -38.96 20.69 22.45
N GLN B 173 -40.25 20.75 22.09
CA GLN B 173 -41.29 21.43 22.88
C GLN B 173 -42.10 20.42 23.70
N TYR B 174 -42.36 20.76 24.96
CA TYR B 174 -43.16 19.91 25.83
C TYR B 174 -44.57 20.51 25.93
N LYS B 175 -45.57 19.74 25.49
CA LYS B 175 -46.96 20.18 25.45
C LYS B 175 -47.76 19.48 26.53
N LEU B 176 -48.64 20.25 27.19
CA LEU B 176 -49.54 19.67 28.18
C LEU B 176 -50.83 20.48 28.30
N PHE B 177 -51.90 19.80 28.71
CA PHE B 177 -53.13 20.47 29.13
C PHE B 177 -52.95 20.82 30.60
N PRO B 178 -52.89 22.11 30.96
CA PRO B 178 -52.69 22.47 32.37
C PRO B 178 -53.86 21.97 33.22
N THR B 179 -53.54 21.37 34.37
CA THR B 179 -54.55 20.96 35.34
C THR B 179 -54.09 21.25 36.76
N ARG B 180 -54.99 21.01 37.71
CA ARG B 180 -54.65 21.10 39.11
C ARG B 180 -53.57 20.08 39.47
N PHE B 181 -53.69 18.86 38.91
CA PHE B 181 -52.78 17.78 39.28
C PHE B 181 -51.34 18.09 38.88
N ALA B 182 -51.15 18.88 37.82
CA ALA B 182 -49.83 19.23 37.33
C ALA B 182 -49.23 20.43 38.05
N ARG B 183 -50.02 21.17 38.83
CA ARG B 183 -49.49 22.36 39.48
C ARG B 183 -48.42 21.97 40.49
N GLY B 184 -47.40 22.82 40.61
CA GLY B 184 -46.34 22.62 41.55
C GLY B 184 -45.35 21.52 41.20
N ARG B 185 -45.63 20.71 40.17
CA ARG B 185 -44.71 19.64 39.83
C ARG B 185 -43.61 20.14 38.88
N ARG B 186 -42.53 19.37 38.81
CA ARG B 186 -41.30 19.73 38.11
C ARG B 186 -41.18 18.95 36.81
N ILE B 187 -40.90 19.65 35.71
CA ILE B 187 -40.58 19.03 34.43
C ILE B 187 -39.10 19.18 34.16
N THR B 188 -38.47 18.08 33.76
CA THR B 188 -37.04 17.98 33.53
C THR B 188 -36.74 17.66 32.06
N CYS B 189 -35.83 18.42 31.47
CA CYS B 189 -35.24 18.16 30.16
C CYS B 189 -33.92 17.41 30.32
N VAL B 190 -33.78 16.29 29.63
CA VAL B 190 -32.62 15.40 29.79
C VAL B 190 -31.96 15.25 28.42
N VAL B 191 -30.71 15.70 28.30
CA VAL B 191 -29.98 15.73 27.03
C VAL B 191 -28.84 14.73 27.13
N LYS B 192 -28.88 13.72 26.27
CA LYS B 192 -27.85 12.67 26.19
C LYS B 192 -27.02 12.88 24.94
N HIS B 193 -25.69 12.77 25.06
CA HIS B 193 -24.82 12.92 23.89
C HIS B 193 -23.49 12.23 24.13
N PRO B 194 -22.93 11.55 23.13
CA PRO B 194 -21.63 10.87 23.36
C PRO B 194 -20.49 11.77 23.77
N ALA B 195 -20.52 13.07 23.49
CA ALA B 195 -19.44 13.94 23.92
C ALA B 195 -19.55 14.36 25.37
N LEU B 196 -20.62 13.94 26.06
CA LEU B 196 -20.88 14.37 27.43
C LEU B 196 -20.45 13.29 28.39
N GLU B 197 -19.78 13.69 29.48
CA GLU B 197 -19.45 12.75 30.53
C GLU B 197 -20.69 12.34 31.34
N LYS B 198 -21.67 13.24 31.45
N LYS B 198 -21.68 13.24 31.43
CA LYS B 198 -22.97 12.87 31.99
CA LYS B 198 -22.96 12.98 32.06
C LYS B 198 -24.04 13.68 31.29
C LYS B 198 -24.04 13.69 31.26
N ASP B 199 -25.26 13.16 31.34
CA ASP B 199 -26.39 13.84 30.72
C ASP B 199 -26.56 15.24 31.32
N ILE B 200 -26.87 16.19 30.47
CA ILE B 200 -27.26 17.52 30.90
C ILE B 200 -28.73 17.49 31.32
N ARG B 201 -29.04 18.03 32.49
CA ARG B 201 -30.40 17.97 33.03
C ARG B 201 -30.80 19.34 33.53
N TYR B 202 -31.87 19.87 32.97
CA TYR B 202 -32.44 21.13 33.42
C TYR B 202 -33.91 20.95 33.70
N SER B 203 -34.37 21.61 34.76
CA SER B 203 -35.73 21.44 35.23
C SER B 203 -36.22 22.73 35.87
N PHE B 204 -37.53 22.79 36.07
CA PHE B 204 -38.14 23.91 36.75
C PHE B 204 -39.55 23.53 37.13
N ILE B 205 -40.13 24.32 38.03
CA ILE B 205 -41.41 24.00 38.64
C ILE B 205 -42.52 24.68 37.84
N LEU B 206 -43.58 23.91 37.54
CA LEU B 206 -44.68 24.41 36.73
C LEU B 206 -45.48 25.46 37.49
N ASP B 207 -45.75 26.58 36.86
CA ASP B 207 -46.61 27.61 37.43
C ASP B 207 -47.95 27.55 36.70
N ILE B 208 -48.98 27.06 37.38
CA ILE B 208 -50.33 27.01 36.83
C ILE B 208 -51.19 28.00 37.61
N GLN B 209 -51.75 28.93 36.85
CA GLN B 209 -52.51 30.07 37.33
C GLN B 209 -54.01 29.88 37.60
N HIS B 210 -54.64 31.01 37.91
CA HIS B 210 -56.00 31.16 38.39
C HIS B 210 -56.94 31.40 37.20
N HIS B 211 -58.31 31.33 37.25
CA HIS B 211 -59.39 31.48 36.24
C HIS B 211 -59.19 30.59 35.01
C1 NAG C . 14.61 -26.48 -17.64
C2 NAG C . 16.03 -26.67 -17.07
C3 NAG C . 16.82 -27.67 -17.91
C4 NAG C . 16.17 -29.04 -17.96
C5 NAG C . 14.74 -28.95 -18.45
C6 NAG C . 13.93 -30.15 -17.99
C7 NAG C . 16.72 -24.51 -16.11
C8 NAG C . 17.45 -23.22 -16.40
N2 NAG C . 16.70 -25.39 -17.10
O3 NAG C . 18.13 -27.76 -17.37
O4 NAG C . 16.88 -29.80 -18.94
O5 NAG C . 14.00 -27.81 -17.97
O6 NAG C . 14.00 -30.27 -16.58
O7 NAG C . 16.23 -24.75 -15.02
C1 NAG C . 17.73 -30.91 -18.52
C2 NAG C . 18.01 -31.80 -19.73
C3 NAG C . 18.93 -32.95 -19.35
C4 NAG C . 20.07 -32.55 -18.41
C5 NAG C . 19.72 -31.43 -17.43
C6 NAG C . 20.93 -30.73 -16.88
C7 NAG C . 16.25 -31.99 -21.45
C8 NAG C . 14.96 -32.64 -21.81
N2 NAG C . 16.76 -32.33 -20.26
O3 NAG C . 19.51 -33.53 -20.53
O4 NAG C . 20.27 -33.72 -17.63
O5 NAG C . 18.92 -30.40 -18.04
O6 NAG C . 21.31 -29.66 -17.72
O7 NAG C . 16.82 -31.19 -22.19
C1 BMA C . 21.61 -34.02 -17.19
C2 BMA C . 21.51 -34.84 -15.85
C3 BMA C . 22.92 -35.12 -15.31
C4 BMA C . 23.87 -35.67 -16.44
C5 BMA C . 23.78 -34.85 -17.79
C6 BMA C . 24.48 -35.48 -18.94
O2 BMA C . 20.84 -36.08 -16.05
O3 BMA C . 22.87 -36.01 -14.21
O4 BMA C . 25.23 -35.58 -15.97
O5 BMA C . 22.42 -34.69 -18.20
O6 BMA C . 24.83 -34.44 -19.83
C1 NAG D . -21.31 24.25 12.63
C2 NAG D . -20.57 25.16 13.64
C3 NAG D . -21.55 26.00 14.44
C4 NAG D . -22.48 26.78 13.52
C5 NAG D . -23.22 25.78 12.66
C6 NAG D . -24.18 26.42 11.69
C7 NAG D . -18.43 24.28 14.46
C8 NAG D . -17.75 23.51 15.55
N2 NAG D . -19.75 24.39 14.57
O3 NAG D . -20.82 26.88 15.29
O4 NAG D . -23.43 27.48 14.31
O5 NAG D . -22.27 25.03 11.88
O6 NAG D . -23.68 27.67 11.23
O7 NAG D . -17.81 24.75 13.50
C1 NAG D . -23.34 28.90 14.30
C2 NAG D . -24.68 29.39 14.88
C3 NAG D . -24.68 30.90 15.05
C4 NAG D . -23.49 31.35 15.88
C5 NAG D . -22.21 30.85 15.21
C6 NAG D . -20.98 31.17 16.01
C7 NAG D . -26.74 28.11 14.46
C8 NAG D . -26.60 27.61 15.86
N2 NAG D . -25.79 28.96 14.04
O3 NAG D . -25.89 31.30 15.67
O4 NAG D . -23.49 32.76 16.00
O5 NAG D . -22.26 29.42 15.07
O6 NAG D . -21.18 30.82 17.37
O7 NAG D . -27.67 27.77 13.74
C1 BMA D . -23.38 33.26 17.36
C2 BMA D . -22.82 34.72 17.32
C3 BMA D . -23.20 35.40 18.58
C4 BMA D . -24.69 35.69 18.60
C5 BMA D . -25.51 34.41 18.20
C6 BMA D . -26.37 34.57 16.93
O2 BMA D . -23.38 35.49 16.26
O3 BMA D . -22.45 36.59 18.76
O4 BMA D . -25.07 36.09 19.92
O5 BMA D . -24.65 33.21 18.10
O6 BMA D . -27.61 35.21 17.26
#